data_3OFH
#
_entry.id   3OFH
#
_cell.length_a   71.651
_cell.length_b   71.651
_cell.length_c   37.102
_cell.angle_alpha   90.000
_cell.angle_beta   90.000
_cell.angle_gamma   90.000
#
_symmetry.space_group_name_H-M   'P 43'
#
loop_
_entity.id
_entity.type
_entity.pdbx_description
1 polymer 'LDLR chaperone MESD'
2 water water
#
_entity_poly.entity_id   1
_entity_poly.type   'polypeptide(L)'
_entity_poly.pdbx_seq_one_letter_code
;GSHMTKKGKTLMMFVTVSGNPTEKETEEITSLWQGSLFNANYDVQRFIVGSDRAIFMLRDGSYAWEIKDFLVSQDRCAEV
TLEGQMYPG
;
_entity_poly.pdbx_strand_id   A,B
#
# COMPACT_ATOMS: atom_id res chain seq x y z
N MET A 4 8.70 14.70 -9.87
CA MET A 4 9.28 14.71 -11.21
C MET A 4 8.68 13.63 -12.10
N THR A 5 9.52 13.05 -12.96
CA THR A 5 9.07 12.00 -13.86
C THR A 5 9.51 10.62 -13.38
N LYS A 6 8.55 9.70 -13.28
CA LYS A 6 8.81 8.36 -12.73
C LYS A 6 9.89 7.61 -13.49
N LYS A 7 10.64 6.78 -12.77
CA LYS A 7 11.68 5.93 -13.34
C LYS A 7 11.19 4.48 -13.35
N GLY A 8 11.46 3.77 -14.44
CA GLY A 8 11.09 2.37 -14.53
C GLY A 8 9.63 2.13 -14.89
N LYS A 9 9.21 0.87 -14.82
CA LYS A 9 7.84 0.50 -15.18
C LYS A 9 7.06 -0.05 -13.98
N THR A 10 7.70 -0.13 -12.82
CA THR A 10 7.04 -0.67 -11.63
C THR A 10 5.78 0.13 -11.29
N LEU A 11 4.80 -0.54 -10.71
CA LEU A 11 3.52 0.09 -10.41
C LEU A 11 2.83 -0.55 -9.20
N MET A 12 2.33 0.28 -8.30
CA MET A 12 1.66 -0.21 -7.10
C MET A 12 0.15 -0.34 -7.30
N MET A 13 -0.40 -1.46 -6.85
CA MET A 13 -1.83 -1.71 -6.92
C MET A 13 -2.36 -2.01 -5.53
N PHE A 14 -3.34 -1.25 -5.09
CA PHE A 14 -3.90 -1.41 -3.74
C PHE A 14 -5.22 -2.16 -3.78
N VAL A 15 -5.28 -3.29 -3.08
CA VAL A 15 -6.47 -4.15 -3.12
C VAL A 15 -7.15 -4.28 -1.76
N THR A 16 -8.48 -4.27 -1.77
CA THR A 16 -9.27 -4.47 -0.56
C THR A 16 -10.06 -5.77 -0.65
N VAL A 17 -10.02 -6.57 0.42
CA VAL A 17 -10.75 -7.83 0.45
C VAL A 17 -12.11 -7.64 1.10
N SER A 18 -13.13 -8.30 0.56
CA SER A 18 -14.50 -8.11 1.01
C SER A 18 -14.86 -8.94 2.23
N GLY A 19 -16.00 -8.61 2.84
CA GLY A 19 -16.57 -9.42 3.90
C GLY A 19 -15.93 -9.25 5.27
N ASN A 20 -15.22 -8.14 5.46
CA ASN A 20 -14.53 -7.90 6.72
C ASN A 20 -13.82 -9.16 7.22
N PRO A 21 -12.79 -9.60 6.48
CA PRO A 21 -12.03 -10.80 6.80
C PRO A 21 -10.99 -10.57 7.88
N THR A 22 -10.51 -11.66 8.49
CA THR A 22 -9.38 -11.56 9.41
C THR A 22 -8.11 -11.49 8.58
N GLU A 23 -7.01 -11.09 9.20
CA GLU A 23 -5.75 -10.96 8.49
C GLU A 23 -5.33 -12.28 7.87
N LYS A 24 -5.55 -13.38 8.59
CA LYS A 24 -5.21 -14.71 8.09
C LYS A 24 -6.02 -15.08 6.85
N GLU A 25 -7.32 -14.82 6.91
CA GLU A 25 -8.20 -15.10 5.78
C GLU A 25 -7.78 -14.28 4.56
N THR A 26 -7.38 -13.04 4.81
CA THR A 26 -6.90 -12.17 3.73
C THR A 26 -5.62 -12.72 3.11
N GLU A 27 -4.77 -13.30 3.95
CA GLU A 27 -3.53 -13.92 3.47
C GLU A 27 -3.82 -15.13 2.61
N GLU A 28 -4.82 -15.91 3.02
CA GLU A 28 -5.21 -17.10 2.28
C GLU A 28 -5.87 -16.72 0.95
N ILE A 29 -6.78 -15.76 1.00
CA ILE A 29 -7.50 -15.32 -0.19
C ILE A 29 -6.54 -14.73 -1.23
N THR A 30 -5.68 -13.82 -0.80
CA THR A 30 -4.80 -13.12 -1.71
C THR A 30 -3.64 -13.99 -2.21
N SER A 31 -3.31 -15.04 -1.46
CA SER A 31 -2.23 -15.93 -1.86
C SER A 31 -2.63 -16.69 -3.12
N LEU A 32 -3.89 -17.07 -3.20
CA LEU A 32 -4.40 -17.78 -4.37
C LEU A 32 -4.48 -16.85 -5.58
N TRP A 33 -4.79 -15.58 -5.33
CA TRP A 33 -4.78 -14.58 -6.40
C TRP A 33 -3.38 -14.44 -6.97
N GLN A 34 -2.39 -14.32 -6.09
CA GLN A 34 -1.00 -14.17 -6.52
C GLN A 34 -0.56 -15.40 -7.31
N GLY A 35 -1.02 -16.58 -6.89
CA GLY A 35 -0.71 -17.80 -7.58
C GLY A 35 -1.24 -17.80 -9.00
N SER A 36 -2.49 -17.36 -9.16
CA SER A 36 -3.13 -17.28 -10.47
C SER A 36 -2.36 -16.34 -11.39
N LEU A 37 -1.98 -15.18 -10.86
CA LEU A 37 -1.23 -14.20 -11.63
C LEU A 37 0.11 -14.78 -12.08
N PHE A 38 0.83 -15.39 -11.16
CA PHE A 38 2.09 -16.06 -11.48
C PHE A 38 1.93 -17.12 -12.56
N ASN A 39 0.87 -17.93 -12.43
CA ASN A 39 0.61 -18.99 -13.41
C ASN A 39 0.30 -18.43 -14.78
N ALA A 40 0.00 -17.13 -14.86
CA ALA A 40 -0.26 -16.47 -16.13
C ALA A 40 0.96 -15.68 -16.58
N ASN A 41 2.11 -15.98 -15.98
CA ASN A 41 3.38 -15.35 -16.34
C ASN A 41 3.58 -13.95 -15.77
N TYR A 42 2.68 -13.53 -14.88
CA TYR A 42 2.79 -12.20 -14.27
C TYR A 42 3.74 -12.20 -13.07
N ASP A 43 4.57 -11.16 -12.99
CA ASP A 43 5.50 -11.01 -11.87
C ASP A 43 5.00 -9.93 -10.93
N VAL A 44 4.55 -10.34 -9.75
CA VAL A 44 4.02 -9.41 -8.76
C VAL A 44 4.47 -9.79 -7.36
N GLN A 45 4.70 -8.79 -6.52
CA GLN A 45 5.00 -9.02 -5.12
C GLN A 45 3.79 -8.63 -4.28
N ARG A 46 3.54 -9.38 -3.21
CA ARG A 46 2.38 -9.14 -2.37
C ARG A 46 2.77 -8.65 -0.98
N PHE A 47 2.09 -7.61 -0.51
CA PHE A 47 2.31 -7.07 0.84
C PHE A 47 0.99 -6.89 1.55
N ILE A 48 0.84 -7.49 2.73
CA ILE A 48 -0.38 -7.32 3.52
C ILE A 48 -0.22 -6.14 4.48
N VAL A 49 -1.11 -5.17 4.37
CA VAL A 49 -1.00 -3.94 5.14
C VAL A 49 -2.27 -3.62 5.94
N GLY A 50 -2.91 -4.67 6.43
CA GLY A 50 -4.15 -4.53 7.17
C GLY A 50 -4.94 -5.82 7.12
N SER A 51 -5.94 -5.95 7.99
CA SER A 51 -6.72 -7.18 8.07
C SER A 51 -7.44 -7.48 6.75
N ASP A 52 -7.67 -6.44 5.96
CA ASP A 52 -8.39 -6.60 4.68
C ASP A 52 -7.74 -5.81 3.55
N ARG A 53 -6.46 -5.47 3.72
CA ARG A 53 -5.76 -4.65 2.75
C ARG A 53 -4.49 -5.33 2.24
N ALA A 54 -4.28 -5.27 0.93
CA ALA A 54 -3.11 -5.89 0.32
C ALA A 54 -2.53 -5.00 -0.77
N ILE A 55 -1.20 -4.98 -0.87
CA ILE A 55 -0.50 -4.25 -1.93
C ILE A 55 0.05 -5.23 -2.94
N PHE A 56 -0.20 -4.96 -4.22
CA PHE A 56 0.41 -5.73 -5.29
C PHE A 56 1.38 -4.86 -6.09
N MET A 57 2.68 -5.17 -5.96
CA MET A 57 3.71 -4.44 -6.70
C MET A 57 4.02 -5.12 -8.03
N LEU A 58 3.61 -4.48 -9.12
CA LEU A 58 3.86 -5.01 -10.45
C LEU A 58 5.26 -4.65 -10.93
N ARG A 59 5.95 -5.61 -11.53
CA ARG A 59 7.25 -5.35 -12.13
C ARG A 59 7.06 -4.52 -13.40
N ASP A 60 6.04 -4.88 -14.18
CA ASP A 60 5.71 -4.15 -15.39
C ASP A 60 4.28 -3.62 -15.32
N GLY A 61 4.15 -2.33 -15.05
CA GLY A 61 2.84 -1.71 -14.87
C GLY A 61 2.02 -1.65 -16.14
N SER A 62 2.61 -1.97 -17.28
CA SER A 62 1.89 -1.93 -18.55
C SER A 62 0.83 -3.02 -18.61
N TYR A 63 0.88 -3.96 -17.66
CA TYR A 63 -0.08 -5.05 -17.59
C TYR A 63 -1.09 -4.83 -16.46
N ALA A 64 -1.20 -3.58 -16.00
CA ALA A 64 -2.05 -3.26 -14.85
C ALA A 64 -3.53 -3.47 -15.13
N TRP A 65 -3.94 -3.32 -16.38
CA TRP A 65 -5.34 -3.45 -16.76
C TRP A 65 -5.80 -4.90 -16.68
N GLU A 66 -4.97 -5.81 -17.19
CA GLU A 66 -5.29 -7.23 -17.16
C GLU A 66 -5.42 -7.73 -15.72
N ILE A 67 -4.49 -7.31 -14.87
CA ILE A 67 -4.48 -7.72 -13.47
C ILE A 67 -5.68 -7.13 -12.72
N LYS A 68 -6.01 -5.88 -13.03
CA LYS A 68 -7.17 -5.22 -12.42
C LYS A 68 -8.45 -5.96 -12.79
N ASP A 69 -8.57 -6.33 -14.06
CA ASP A 69 -9.74 -7.06 -14.54
C ASP A 69 -9.88 -8.41 -13.85
N PHE A 70 -8.76 -9.12 -13.70
CA PHE A 70 -8.78 -10.41 -13.02
C PHE A 70 -9.23 -10.27 -11.57
N LEU A 71 -8.68 -9.28 -10.88
CA LEU A 71 -8.95 -9.09 -9.46
C LEU A 71 -10.42 -8.75 -9.19
N VAL A 72 -10.96 -7.78 -9.92
CA VAL A 72 -12.34 -7.35 -9.70
C VAL A 72 -13.34 -8.46 -10.05
N SER A 73 -12.91 -9.44 -10.83
CA SER A 73 -13.75 -10.57 -11.21
CA SER A 73 -13.77 -10.55 -11.21
C SER A 73 -13.84 -11.60 -10.10
N GLN A 74 -13.07 -11.37 -9.03
CA GLN A 74 -13.07 -12.28 -7.89
C GLN A 74 -14.12 -11.85 -6.87
N ASP A 75 -14.81 -12.84 -6.30
CA ASP A 75 -15.91 -12.56 -5.38
C ASP A 75 -15.46 -11.89 -4.08
N ARG A 76 -14.22 -12.14 -3.68
CA ARG A 76 -13.72 -11.61 -2.41
C ARG A 76 -12.89 -10.34 -2.60
N CYS A 77 -12.90 -9.80 -3.81
CA CYS A 77 -12.25 -8.52 -4.08
C CYS A 77 -13.26 -7.39 -4.01
N ALA A 78 -13.09 -6.50 -3.03
CA ALA A 78 -13.99 -5.37 -2.88
C ALA A 78 -13.63 -4.22 -3.82
N GLU A 79 -12.37 -3.80 -3.79
CA GLU A 79 -11.92 -2.69 -4.63
C GLU A 79 -10.46 -2.85 -5.06
N VAL A 80 -10.16 -2.38 -6.27
CA VAL A 80 -8.78 -2.29 -6.75
C VAL A 80 -8.45 -0.83 -7.06
N THR A 81 -7.43 -0.30 -6.40
CA THR A 81 -7.00 1.08 -6.62
C THR A 81 -5.78 1.14 -7.53
N LEU A 82 -5.96 1.71 -8.72
CA LEU A 82 -4.91 1.79 -9.72
C LEU A 82 -4.72 3.22 -10.21
N GLU A 83 -3.57 3.80 -9.88
CA GLU A 83 -3.27 5.18 -10.25
C GLU A 83 -4.39 6.15 -9.87
N GLY A 84 -4.81 6.10 -8.61
CA GLY A 84 -5.80 7.02 -8.09
C GLY A 84 -7.23 6.69 -8.46
N GLN A 85 -7.43 5.62 -9.22
CA GLN A 85 -8.77 5.24 -9.66
C GLN A 85 -9.23 3.93 -9.04
N MET A 86 -10.45 3.92 -8.49
CA MET A 86 -11.02 2.72 -7.89
C MET A 86 -11.87 1.90 -8.87
N TYR A 87 -11.73 0.58 -8.80
CA TYR A 87 -12.50 -0.34 -9.62
C TYR A 87 -13.03 -1.47 -8.73
N PRO A 88 -14.31 -1.81 -8.85
CA PRO A 88 -15.27 -1.29 -9.82
C PRO A 88 -15.63 0.14 -9.43
N GLY A 89 -16.28 0.84 -10.35
CA GLY A 89 -16.73 0.23 -11.58
C GLY A 89 -15.85 0.49 -12.76
N LYS B 9 12.70 -8.73 2.40
CA LYS B 9 13.31 -7.66 3.19
C LYS B 9 12.49 -6.38 3.11
N THR B 10 11.88 -6.14 1.97
CA THR B 10 11.05 -4.97 1.76
C THR B 10 9.82 -5.00 2.66
N LEU B 11 9.51 -3.87 3.28
CA LEU B 11 8.36 -3.77 4.18
C LEU B 11 7.47 -2.58 3.83
N MET B 12 6.16 -2.79 3.90
CA MET B 12 5.21 -1.73 3.60
C MET B 12 4.55 -1.22 4.88
N MET B 13 4.44 0.10 4.99
CA MET B 13 3.76 0.72 6.13
C MET B 13 2.61 1.60 5.66
N PHE B 14 1.42 1.32 6.17
CA PHE B 14 0.24 2.08 5.80
C PHE B 14 0.03 3.23 6.78
N VAL B 15 -0.10 4.44 6.27
CA VAL B 15 -0.23 5.62 7.11
C VAL B 15 -1.44 6.47 6.75
N THR B 16 -2.20 6.87 7.77
CA THR B 16 -3.37 7.72 7.58
C THR B 16 -3.13 9.11 8.16
N VAL B 17 -3.45 10.14 7.37
CA VAL B 17 -3.32 11.52 7.81
C VAL B 17 -4.64 12.01 8.42
N SER B 18 -4.55 12.63 9.59
CA SER B 18 -5.74 13.05 10.33
C SER B 18 -6.39 14.31 9.75
N GLY B 19 -7.59 14.60 10.23
CA GLY B 19 -8.28 15.84 9.88
C GLY B 19 -8.91 15.88 8.51
N ASN B 20 -9.21 14.70 7.96
CA ASN B 20 -9.86 14.62 6.66
C ASN B 20 -9.27 15.63 5.67
N PRO B 21 -7.99 15.46 5.33
CA PRO B 21 -7.28 16.42 4.48
C PRO B 21 -7.50 16.16 3.00
N THR B 22 -7.12 17.12 2.17
CA THR B 22 -7.12 16.94 0.72
C THR B 22 -5.90 16.11 0.33
N GLU B 23 -5.93 15.55 -0.88
CA GLU B 23 -4.81 14.76 -1.37
C GLU B 23 -3.54 15.59 -1.38
N LYS B 24 -3.67 16.87 -1.75
CA LYS B 24 -2.55 17.79 -1.78
C LYS B 24 -1.94 17.98 -0.39
N GLU B 25 -2.80 18.23 0.60
CA GLU B 25 -2.34 18.44 1.97
C GLU B 25 -1.67 17.19 2.51
N THR B 26 -2.18 16.02 2.13
CA THR B 26 -1.58 14.75 2.52
C THR B 26 -0.17 14.63 1.96
N GLU B 27 0.01 15.02 0.70
CA GLU B 27 1.31 14.98 0.05
C GLU B 27 2.32 15.88 0.77
N GLU B 28 1.88 17.09 1.10
CA GLU B 28 2.75 18.05 1.77
C GLU B 28 3.16 17.58 3.16
N ILE B 29 2.20 17.07 3.92
CA ILE B 29 2.46 16.57 5.27
C ILE B 29 3.42 15.38 5.26
N THR B 30 3.13 14.38 4.44
CA THR B 30 3.94 13.17 4.39
C THR B 30 5.33 13.42 3.79
N SER B 31 5.43 14.46 2.97
CA SER B 31 6.73 14.83 2.39
C SER B 31 7.67 15.31 3.47
N LEU B 32 7.13 16.05 4.44
CA LEU B 32 7.91 16.55 5.57
C LEU B 32 8.38 15.40 6.45
N TRP B 33 7.49 14.47 6.74
CA TRP B 33 7.85 13.29 7.52
C TRP B 33 8.95 12.50 6.83
N GLN B 34 8.80 12.33 5.52
CA GLN B 34 9.78 11.58 4.72
C GLN B 34 11.14 12.26 4.76
N GLY B 35 11.14 13.58 4.72
CA GLY B 35 12.37 14.35 4.81
C GLY B 35 13.05 14.16 6.16
N SER B 36 12.27 14.24 7.23
CA SER B 36 12.79 14.04 8.58
C SER B 36 13.35 12.63 8.71
N LEU B 37 12.67 11.67 8.09
CA LEU B 37 13.11 10.28 8.11
C LEU B 37 14.48 10.13 7.47
N PHE B 38 14.66 10.73 6.29
CA PHE B 38 15.95 10.69 5.61
C PHE B 38 17.06 11.31 6.45
N ASN B 39 16.73 12.36 7.18
CA ASN B 39 17.72 13.01 8.06
C ASN B 39 18.04 12.17 9.27
N ALA B 40 17.18 11.18 9.55
CA ALA B 40 17.43 10.23 10.62
C ALA B 40 18.02 8.95 10.02
N ASN B 41 18.35 9.00 8.74
CA ASN B 41 18.95 7.88 8.03
C ASN B 41 17.99 6.72 7.79
N TYR B 42 16.70 7.02 7.69
CA TYR B 42 15.71 6.03 7.30
C TYR B 42 15.25 6.31 5.87
N ASP B 43 15.45 5.33 4.98
CA ASP B 43 15.10 5.51 3.58
C ASP B 43 13.73 4.91 3.25
N VAL B 44 12.77 5.77 2.97
CA VAL B 44 11.43 5.32 2.59
C VAL B 44 10.99 5.93 1.26
N GLN B 45 10.24 5.16 0.50
CA GLN B 45 9.58 5.68 -0.69
C GLN B 45 8.09 5.83 -0.38
N ARG B 46 7.51 6.94 -0.79
CA ARG B 46 6.11 7.22 -0.47
C ARG B 46 5.20 7.04 -1.66
N PHE B 47 4.08 6.35 -1.44
CA PHE B 47 3.02 6.23 -2.44
C PHE B 47 1.74 6.80 -1.84
N ILE B 48 1.08 7.68 -2.59
CA ILE B 48 -0.23 8.18 -2.18
C ILE B 48 -1.30 7.19 -2.62
N VAL B 49 -2.08 6.67 -1.66
CA VAL B 49 -3.09 5.67 -1.98
C VAL B 49 -4.50 6.18 -1.69
N GLY B 50 -4.62 7.45 -1.35
CA GLY B 50 -5.90 8.06 -1.07
C GLY B 50 -5.74 9.53 -0.71
N SER B 51 -6.86 10.19 -0.46
CA SER B 51 -6.84 11.61 -0.09
C SER B 51 -6.13 11.82 1.23
N ASP B 52 -6.15 10.80 2.08
CA ASP B 52 -5.58 10.89 3.42
C ASP B 52 -4.75 9.67 3.78
N ARG B 53 -4.41 8.87 2.76
CA ARG B 53 -3.63 7.66 3.00
CA ARG B 53 -3.66 7.63 2.98
C ARG B 53 -2.37 7.62 2.16
N ALA B 54 -1.31 7.09 2.77
CA ALA B 54 -0.03 6.96 2.08
C ALA B 54 0.65 5.65 2.49
N ILE B 55 1.46 5.12 1.59
CA ILE B 55 2.26 3.94 1.90
C ILE B 55 3.72 4.32 1.94
N PHE B 56 4.39 4.00 3.04
CA PHE B 56 5.84 4.15 3.12
C PHE B 56 6.51 2.80 2.85
N MET B 57 7.30 2.74 1.80
CA MET B 57 8.00 1.51 1.44
C MET B 57 9.42 1.52 1.94
N LEU B 58 9.75 0.57 2.81
CA LEU B 58 11.08 0.45 3.38
C LEU B 58 11.79 -0.75 2.74
N ARG B 59 12.92 -0.49 2.09
CA ARG B 59 13.71 -1.56 1.48
C ARG B 59 14.46 -2.33 2.56
N ASP B 60 14.52 -1.76 3.76
CA ASP B 60 15.15 -2.41 4.90
C ASP B 60 14.28 -2.24 6.13
N GLY B 61 13.53 -3.29 6.48
CA GLY B 61 12.59 -3.22 7.58
C GLY B 61 13.22 -3.25 8.96
N SER B 62 14.46 -2.79 9.06
CA SER B 62 15.16 -2.72 10.33
C SER B 62 14.78 -1.45 11.08
N TYR B 63 14.46 -1.59 12.37
CA TYR B 63 14.02 -0.46 13.19
C TYR B 63 12.83 0.26 12.57
N ALA B 64 12.05 -0.49 11.78
CA ALA B 64 10.85 0.05 11.15
C ALA B 64 9.86 0.51 12.21
N TRP B 65 9.98 -0.03 13.42
CA TRP B 65 9.12 0.37 14.52
C TRP B 65 9.50 1.75 15.03
N GLU B 66 10.76 2.13 14.81
CA GLU B 66 11.23 3.46 15.18
C GLU B 66 10.66 4.51 14.23
N ILE B 67 10.43 4.11 12.99
CA ILE B 67 9.74 4.96 12.03
C ILE B 67 8.28 5.06 12.45
N LYS B 68 7.74 3.96 12.97
CA LYS B 68 6.38 3.94 13.50
C LYS B 68 6.27 4.89 14.69
N ASP B 69 7.23 4.80 15.60
CA ASP B 69 7.24 5.63 16.79
C ASP B 69 7.32 7.12 16.44
N PHE B 70 8.13 7.45 15.44
CA PHE B 70 8.26 8.83 14.99
C PHE B 70 6.93 9.33 14.40
N LEU B 71 6.32 8.52 13.56
CA LEU B 71 5.09 8.90 12.87
C LEU B 71 3.93 9.13 13.85
N VAL B 72 3.77 8.23 14.81
CA VAL B 72 2.65 8.31 15.76
C VAL B 72 2.80 9.48 16.73
N SER B 73 3.98 10.07 16.79
CA SER B 73 4.21 11.21 17.67
C SER B 73 3.86 12.51 16.96
N GLN B 74 3.55 12.41 15.66
CA GLN B 74 3.21 13.57 14.85
C GLN B 74 1.71 13.86 14.91
N ASP B 75 1.37 15.13 15.10
CA ASP B 75 -0.02 15.54 15.29
C ASP B 75 -0.94 15.18 14.13
N ARG B 76 -0.40 15.15 12.91
CA ARG B 76 -1.22 14.89 11.73
C ARG B 76 -1.21 13.42 11.30
N CYS B 77 -0.69 12.55 12.16
CA CYS B 77 -0.72 11.12 11.91
C CYS B 77 -1.89 10.49 12.66
N ALA B 78 -2.81 9.86 11.93
CA ALA B 78 -3.97 9.23 12.52
C ALA B 78 -3.68 7.79 12.92
N GLU B 79 -3.13 7.01 12.00
CA GLU B 79 -2.79 5.62 12.28
C GLU B 79 -1.61 5.14 11.45
N VAL B 80 -0.84 4.20 12.00
CA VAL B 80 0.25 3.57 11.28
C VAL B 80 0.09 2.05 11.34
N THR B 81 -0.02 1.42 10.19
CA THR B 81 -0.12 -0.03 10.13
C THR B 81 1.24 -0.66 9.80
N LEU B 82 1.84 -1.29 10.80
CA LEU B 82 3.14 -1.94 10.63
C LEU B 82 2.98 -3.44 10.72
N GLU B 83 3.35 -4.14 9.65
CA GLU B 83 3.25 -5.60 9.61
C GLU B 83 1.83 -6.07 9.96
N GLY B 84 0.83 -5.40 9.40
CA GLY B 84 -0.55 -5.82 9.56
C GLY B 84 -1.26 -5.30 10.80
N GLN B 85 -0.50 -4.80 11.76
CA GLN B 85 -1.06 -4.31 13.03
C GLN B 85 -1.14 -2.78 13.05
N MET B 86 -2.22 -2.26 13.62
CA MET B 86 -2.48 -0.82 13.62
C MET B 86 -2.02 -0.11 14.89
N TYR B 87 -1.48 1.10 14.73
CA TYR B 87 -0.99 1.88 15.85
C TYR B 87 -1.46 3.34 15.79
#